data_8ZOP
#
_entry.id   8ZOP
#
_cell.length_a   117.607
_cell.length_b   117.607
_cell.length_c   63.829
_cell.angle_alpha   90.00
_cell.angle_beta   90.00
_cell.angle_gamma   120.00
#
_symmetry.space_group_name_H-M   'P 31 2 1'
#
loop_
_entity.id
_entity.type
_entity.pdbx_description
1 polymer Halogenase
2 non-polymer 'FLAVIN-ADENINE DINUCLEOTIDE'
3 non-polymer 'CHLORIDE ION'
4 water water
#
_entity_poly.entity_id   1
_entity_poly.type   'polypeptide(L)'
_entity_poly.pdbx_seq_one_letter_code
;GSHMNNGHEEYDVIVVGGGPAGSSAAGLLALNGHSVLLLERDKFPRYHIGESLITGVLPTLARLGLTERMEQLGFQRKYG
GSLLWGKGHSKPWTFKFRETGNGKYEYAYQVRRADFDALLLDRARELGVTVLEGASVKEPLFDGDRMVGVRYSVRNEAET
VDVSGKITIDATGQQRWLGRHFDMVEWHEDLRNIAAWSYYQGGLRYEGETEGNILTENRPHGWLWYIPLSKDITSIGYVT
PSSRLAESGLTPEAMLDKQIAESSEVGRLTANARRVDIYRTARDWSYVCERFSGPGYALVGDAAAFIDPLLSTGVTLAMR
GGSTVSRAVHEALVDPAKERDTLQTYEDSYRDFLNSLLEFVRFFYDRTKGQKDYHVGAQAIIDPDKHFPANVDFVTLVSG
LARGDDAVDVPS
;
_entity_poly.pdbx_strand_id   A
#
loop_
_chem_comp.id
_chem_comp.type
_chem_comp.name
_chem_comp.formula
CL non-polymer 'CHLORIDE ION' 'Cl -1'
FAD non-polymer 'FLAVIN-ADENINE DINUCLEOTIDE' 'C27 H33 N9 O15 P2'
#
# COMPACT_ATOMS: atom_id res chain seq x y z
N GLY A 1 -13.80 32.85 -30.79
CA GLY A 1 -14.21 32.13 -29.53
C GLY A 1 -13.08 31.30 -28.92
N SER A 2 -13.44 30.65 -27.82
CA SER A 2 -12.47 29.88 -27.01
C SER A 2 -13.23 28.74 -26.32
N HIS A 3 -12.53 27.65 -26.06
CA HIS A 3 -13.02 26.63 -25.10
C HIS A 3 -13.02 27.29 -23.70
N MET A 4 -14.16 27.84 -23.28
CA MET A 4 -14.28 28.51 -21.95
C MET A 4 -14.78 27.43 -20.98
N ASN A 5 -14.36 27.54 -19.72
CA ASN A 5 -14.66 26.55 -18.66
C ASN A 5 -15.59 27.23 -17.66
N ASN A 6 -16.86 26.80 -17.64
CA ASN A 6 -17.86 27.31 -16.65
C ASN A 6 -17.37 26.91 -15.25
N GLY A 7 -17.27 27.89 -14.34
CA GLY A 7 -16.82 27.72 -12.94
C GLY A 7 -15.37 27.21 -12.92
N HIS A 8 -14.49 27.74 -13.75
CA HIS A 8 -13.10 27.21 -13.86
C HIS A 8 -12.43 27.39 -12.49
N GLU A 9 -11.69 26.35 -12.06
CA GLU A 9 -10.96 26.36 -10.80
C GLU A 9 -9.48 26.16 -11.08
N GLU A 10 -8.69 26.69 -10.13
CA GLU A 10 -7.23 26.52 -10.07
C GLU A 10 -6.80 26.21 -8.64
N TYR A 11 -5.96 25.19 -8.51
CA TYR A 11 -5.41 24.70 -7.24
C TYR A 11 -3.88 24.61 -7.28
N ASP A 12 -3.29 24.66 -6.13
CA ASP A 12 -1.84 24.39 -6.04
C ASP A 12 -1.58 22.94 -6.48
N VAL A 13 -2.36 22.01 -5.99
CA VAL A 13 -2.14 20.56 -6.19
C VAL A 13 -3.46 19.91 -6.52
N ILE A 14 -3.44 19.05 -7.52
CA ILE A 14 -4.54 18.11 -7.82
C ILE A 14 -4.02 16.73 -7.48
N VAL A 15 -4.74 15.98 -6.65
CA VAL A 15 -4.42 14.58 -6.31
C VAL A 15 -5.46 13.72 -6.97
N VAL A 16 -5.05 12.74 -7.75
CA VAL A 16 -5.98 11.83 -8.46
C VAL A 16 -5.94 10.52 -7.70
N GLY A 17 -7.02 10.21 -7.03
CA GLY A 17 -7.11 8.98 -6.24
C GLY A 17 -7.12 9.27 -4.77
N GLY A 18 -8.01 8.66 -3.98
CA GLY A 18 -8.16 8.88 -2.56
C GLY A 18 -7.93 7.70 -1.68
N GLY A 19 -7.16 6.70 -2.12
CA GLY A 19 -6.67 5.61 -1.28
C GLY A 19 -5.61 6.19 -0.35
N PRO A 20 -4.92 5.36 0.41
CA PRO A 20 -3.96 5.85 1.43
C PRO A 20 -2.88 6.72 0.84
N ALA A 21 -2.43 6.47 -0.36
CA ALA A 21 -1.39 7.37 -0.92
C ALA A 21 -1.93 8.74 -1.17
N GLY A 22 -3.06 8.83 -1.85
CA GLY A 22 -3.59 10.14 -2.26
C GLY A 22 -4.11 10.89 -1.06
N SER A 23 -4.83 10.23 -0.18
CA SER A 23 -5.41 10.95 0.98
C SER A 23 -4.29 11.43 1.90
N SER A 24 -3.27 10.65 2.13
CA SER A 24 -2.15 11.08 2.98
C SER A 24 -1.43 12.24 2.30
N ALA A 25 -1.12 12.14 1.01
CA ALA A 25 -0.42 13.24 0.31
C ALA A 25 -1.25 14.52 0.39
N ALA A 26 -2.55 14.40 0.11
CA ALA A 26 -3.42 15.57 0.02
C ALA A 26 -3.56 16.21 1.41
N GLY A 27 -3.81 15.41 2.43
CA GLY A 27 -4.01 15.96 3.78
C GLY A 27 -2.76 16.63 4.24
N LEU A 28 -1.59 16.06 4.00
CA LEU A 28 -0.34 16.68 4.49
C LEU A 28 -0.10 17.95 3.69
N LEU A 29 -0.39 18.03 2.41
CA LEU A 29 -0.21 19.27 1.67
C LEU A 29 -1.18 20.32 2.17
N ALA A 30 -2.41 19.99 2.49
CA ALA A 30 -3.37 20.96 3.04
C ALA A 30 -2.89 21.43 4.40
N LEU A 31 -2.27 20.60 5.18
CA LEU A 31 -1.78 21.00 6.48
C LEU A 31 -0.67 22.05 6.32
N ASN A 32 0.05 21.98 5.22
CA ASN A 32 1.09 22.92 4.91
C ASN A 32 0.59 24.20 4.26
N GLY A 33 -0.71 24.34 4.15
CA GLY A 33 -1.38 25.59 3.73
C GLY A 33 -1.64 25.67 2.24
N HIS A 34 -1.45 24.59 1.49
CA HIS A 34 -1.72 24.64 0.05
C HIS A 34 -3.18 24.36 -0.30
N SER A 35 -3.63 24.81 -1.44
CA SER A 35 -4.98 24.56 -1.99
C SER A 35 -4.89 23.25 -2.74
N VAL A 36 -5.65 22.27 -2.28
CA VAL A 36 -5.57 20.88 -2.79
C VAL A 36 -6.95 20.43 -3.22
N LEU A 37 -7.04 19.90 -4.43
CA LEU A 37 -8.19 19.21 -5.01
C LEU A 37 -7.88 17.74 -5.04
N LEU A 38 -8.72 16.88 -4.56
CA LEU A 38 -8.55 15.41 -4.66
C LEU A 38 -9.73 14.90 -5.43
N LEU A 39 -9.51 14.16 -6.51
CA LEU A 39 -10.55 13.56 -7.36
C LEU A 39 -10.55 12.07 -7.10
N GLU A 40 -11.67 11.52 -6.69
CA GLU A 40 -11.82 10.09 -6.40
C GLU A 40 -13.02 9.59 -7.18
N ARG A 41 -12.86 8.55 -7.97
CA ARG A 41 -13.93 8.07 -8.85
C ARG A 41 -15.03 7.38 -8.05
N ASP A 42 -14.76 6.78 -6.91
CA ASP A 42 -15.73 5.98 -6.14
C ASP A 42 -16.41 6.85 -5.13
N LYS A 43 -17.30 6.26 -4.37
CA LYS A 43 -17.95 6.77 -3.17
C LYS A 43 -17.39 6.06 -1.98
N PHE A 44 -16.83 6.78 -1.03
CA PHE A 44 -16.31 6.12 0.18
C PHE A 44 -17.36 6.04 1.27
N PRO A 45 -17.34 5.01 2.12
CA PRO A 45 -16.37 3.92 2.10
C PRO A 45 -16.61 2.95 0.97
N ARG A 46 -15.52 2.38 0.42
CA ARG A 46 -15.56 1.43 -0.71
C ARG A 46 -14.59 0.28 -0.42
N TYR A 47 -14.99 -0.93 -0.82
CA TYR A 47 -14.23 -2.15 -0.58
C TYR A 47 -12.84 -2.03 -1.21
N HIS A 48 -11.85 -2.59 -0.51
CA HIS A 48 -10.51 -2.76 -1.11
C HIS A 48 -9.81 -3.90 -0.38
N ILE A 49 -8.98 -4.62 -1.09
CA ILE A 49 -8.13 -5.65 -0.47
C ILE A 49 -6.88 -5.00 0.07
N GLY A 50 -6.18 -5.63 0.94
CA GLY A 50 -4.86 -5.14 1.36
C GLY A 50 -4.86 -4.64 2.77
N GLU A 51 -5.03 -5.55 3.73
CA GLU A 51 -5.58 -5.29 5.07
C GLU A 51 -4.54 -5.31 6.18
N SER A 52 -3.39 -5.94 5.97
CA SER A 52 -2.44 -6.10 7.08
C SER A 52 -1.42 -4.97 7.09
N LEU A 53 -1.42 -4.10 8.07
CA LEU A 53 -0.48 -2.96 8.12
C LEU A 53 0.75 -3.33 8.92
N ILE A 54 1.81 -2.59 8.72
CA ILE A 54 3.07 -2.74 9.47
C ILE A 54 3.37 -1.40 10.07
N THR A 55 4.35 -1.33 10.98
CA THR A 55 4.48 -0.12 11.85
C THR A 55 5.01 1.08 11.09
N GLY A 56 5.50 0.89 9.87
CA GLY A 56 5.82 2.03 9.02
C GLY A 56 4.66 2.97 8.72
N VAL A 57 3.42 2.55 8.90
CA VAL A 57 2.28 3.49 8.73
C VAL A 57 2.21 4.48 9.87
N LEU A 58 2.74 4.12 11.03
CA LEU A 58 2.41 4.90 12.24
C LEU A 58 2.90 6.34 12.19
N PRO A 59 4.10 6.65 11.69
CA PRO A 59 4.49 8.05 11.65
C PRO A 59 3.60 8.93 10.77
N THR A 60 3.10 8.38 9.66
CA THR A 60 2.20 9.17 8.79
C THR A 60 0.85 9.32 9.48
N LEU A 61 0.36 8.26 10.09
CA LEU A 61 -0.92 8.39 10.88
C LEU A 61 -0.77 9.46 11.98
N ALA A 62 0.42 9.56 12.54
CA ALA A 62 0.66 10.57 13.57
C ALA A 62 0.69 11.99 13.00
N ARG A 63 1.34 12.14 11.87
CA ARG A 63 1.38 13.44 11.23
C ARG A 63 -0.04 13.86 10.83
N LEU A 64 -0.88 12.91 10.46
CA LEU A 64 -2.27 13.19 10.10
C LEU A 64 -3.17 13.33 11.33
N GLY A 65 -2.67 13.15 12.53
CA GLY A 65 -3.51 13.35 13.71
C GLY A 65 -4.50 12.23 13.92
N LEU A 66 -4.13 11.02 13.51
CA LEU A 66 -5.06 9.86 13.50
C LEU A 66 -4.70 8.78 14.50
N THR A 67 -3.65 8.93 15.30
CA THR A 67 -3.22 7.84 16.20
C THR A 67 -4.32 7.43 17.16
N GLU A 68 -5.02 8.38 17.76
CA GLU A 68 -6.09 8.05 18.70
C GLU A 68 -7.36 7.57 17.98
N ARG A 69 -7.63 8.11 16.81
CA ARG A 69 -8.76 7.66 16.02
C ARG A 69 -8.66 6.17 15.68
N MET A 70 -7.44 5.67 15.40
CA MET A 70 -7.30 4.24 15.08
C MET A 70 -7.80 3.39 16.25
N GLU A 71 -7.51 3.84 17.46
CA GLU A 71 -7.99 3.11 18.68
C GLU A 71 -9.49 3.30 18.91
N GLN A 72 -10.01 4.49 18.65
CA GLN A 72 -11.46 4.73 18.87
C GLN A 72 -12.26 3.86 17.93
N LEU A 73 -11.83 3.73 16.68
CA LEU A 73 -12.55 2.94 15.65
C LEU A 73 -12.47 1.47 16.03
N GLY A 74 -11.43 1.05 16.74
CA GLY A 74 -11.36 -0.32 17.27
C GLY A 74 -10.82 -1.33 16.28
N PHE A 75 -9.95 -0.88 15.40
CA PHE A 75 -9.30 -1.82 14.52
C PHE A 75 -8.47 -2.83 15.34
N GLN A 76 -8.36 -4.03 14.85
CA GLN A 76 -7.58 -5.06 15.49
C GLN A 76 -6.09 -4.74 15.56
N ARG A 77 -5.55 -4.66 16.76
CA ARG A 77 -4.11 -4.45 16.88
C ARG A 77 -3.31 -5.67 16.43
N LYS A 78 -2.19 -5.40 15.80
CA LYS A 78 -1.30 -6.43 15.24
C LYS A 78 0.09 -6.22 15.85
N TYR A 79 0.50 -7.14 16.70
CA TYR A 79 1.81 -7.01 17.43
C TYR A 79 2.95 -7.62 16.68
N GLY A 80 2.70 -8.38 15.62
CA GLY A 80 3.73 -9.01 14.81
C GLY A 80 3.10 -9.98 13.85
N GLY A 81 3.90 -10.92 13.40
CA GLY A 81 3.53 -11.87 12.38
C GLY A 81 3.92 -13.27 12.72
N SER A 82 3.21 -14.23 12.21
CA SER A 82 3.47 -15.66 12.33
C SER A 82 3.79 -16.19 10.94
N LEU A 83 4.85 -16.95 10.77
CA LEU A 83 5.31 -17.44 9.46
C LEU A 83 5.48 -18.94 9.53
N LEU A 84 4.68 -19.69 8.83
CA LEU A 84 4.96 -21.11 8.65
C LEU A 84 5.66 -21.14 7.30
N TRP A 85 6.98 -21.08 7.33
CA TRP A 85 7.78 -20.69 6.16
C TRP A 85 9.20 -21.23 6.30
N GLY A 86 9.55 -21.99 5.31
CA GLY A 86 10.93 -22.43 5.12
C GLY A 86 11.09 -23.85 5.60
N LYS A 87 12.31 -24.23 5.95
CA LYS A 87 12.63 -25.66 6.29
C LYS A 87 11.68 -26.23 7.34
N LYS A 91 5.64 -25.86 12.53
CA LYS A 91 4.92 -24.88 13.36
C LYS A 91 5.45 -23.48 13.07
N PRO A 92 4.61 -22.43 13.14
CA PRO A 92 5.05 -21.10 12.72
C PRO A 92 6.15 -20.54 13.61
N TRP A 93 7.08 -19.79 13.03
CA TRP A 93 8.00 -18.94 13.76
C TRP A 93 7.44 -17.54 13.71
N THR A 94 7.85 -16.69 14.60
CA THR A 94 7.18 -15.41 14.81
C THR A 94 8.19 -14.30 14.92
N PHE A 95 7.72 -13.07 14.76
CA PHE A 95 8.43 -11.87 15.15
C PHE A 95 7.50 -10.89 15.78
N LYS A 96 8.03 -9.98 16.54
CA LYS A 96 7.28 -8.90 17.17
C LYS A 96 7.76 -7.56 16.67
N PHE A 97 6.86 -6.62 16.37
CA PHE A 97 7.24 -5.28 15.93
C PHE A 97 8.13 -4.58 16.96
N ARG A 98 7.96 -4.92 18.26
CA ARG A 98 8.79 -4.27 19.29
C ARG A 98 10.23 -4.71 19.25
N GLU A 99 10.64 -5.66 18.44
CA GLU A 99 12.05 -6.12 18.40
C GLU A 99 12.94 -5.05 17.80
N THR A 100 12.42 -4.04 17.12
CA THR A 100 13.25 -2.97 16.58
C THR A 100 12.85 -1.67 17.25
N GLY A 101 13.63 -0.61 17.02
CA GLY A 101 13.26 0.74 17.49
C GLY A 101 13.12 0.83 19.01
N ASN A 102 13.83 0.01 19.78
CA ASN A 102 13.76 0.10 21.26
C ASN A 102 12.31 -0.10 21.72
N GLY A 103 11.53 -0.84 20.95
CA GLY A 103 10.20 -1.22 21.40
C GLY A 103 9.17 -0.14 21.31
N LYS A 104 9.42 1.01 20.69
CA LYS A 104 8.53 2.15 20.71
C LYS A 104 7.31 1.94 19.79
N TYR A 105 7.46 1.17 18.72
CA TYR A 105 6.27 0.78 17.90
C TYR A 105 5.93 -0.67 18.19
N GLU A 106 4.99 -0.88 19.11
CA GLU A 106 4.66 -2.21 19.58
C GLU A 106 3.64 -2.89 18.65
N TYR A 107 2.80 -2.11 18.03
CA TYR A 107 1.79 -2.68 17.16
C TYR A 107 1.33 -1.78 16.02
N ALA A 108 0.85 -2.46 14.99
CA ALA A 108 0.16 -1.82 13.92
C ALA A 108 -1.29 -2.39 13.96
N TYR A 109 -1.93 -2.54 12.82
CA TYR A 109 -3.34 -2.92 12.81
C TYR A 109 -3.60 -3.84 11.63
N GLN A 110 -4.66 -4.60 11.75
CA GLN A 110 -5.37 -5.26 10.62
C GLN A 110 -6.58 -4.38 10.40
N VAL A 111 -6.82 -4.00 9.14
CA VAL A 111 -7.92 -3.05 8.88
C VAL A 111 -8.80 -3.55 7.74
N ARG A 112 -10.13 -3.40 7.90
CA ARG A 112 -11.03 -3.41 6.77
C ARG A 112 -10.79 -2.10 6.01
N ARG A 113 -10.36 -2.25 4.76
CA ARG A 113 -9.87 -1.09 4.02
C ARG A 113 -10.88 -0.04 3.72
N ALA A 114 -12.11 -0.45 3.51
CA ALA A 114 -13.14 0.58 3.25
C ALA A 114 -13.11 1.58 4.41
N ASP A 115 -13.11 1.09 5.65
CA ASP A 115 -13.17 1.93 6.85
C ASP A 115 -11.90 2.73 7.02
N PHE A 116 -10.73 2.10 6.80
CA PHE A 116 -9.43 2.78 6.98
C PHE A 116 -9.34 3.88 5.93
N ASP A 117 -9.61 3.57 4.67
CA ASP A 117 -9.41 4.55 3.61
C ASP A 117 -10.37 5.69 3.83
N ALA A 118 -11.56 5.43 4.36
CA ALA A 118 -12.54 6.52 4.62
C ALA A 118 -12.08 7.38 5.79
N LEU A 119 -11.47 6.82 6.79
CA LEU A 119 -10.89 7.61 7.89
C LEU A 119 -9.90 8.59 7.28
N LEU A 120 -9.01 8.10 6.43
CA LEU A 120 -7.95 8.99 5.89
C LEU A 120 -8.54 10.04 4.97
N LEU A 121 -9.50 9.69 4.13
CA LEU A 121 -10.08 10.66 3.18
C LEU A 121 -10.89 11.68 3.96
N ASP A 122 -11.66 11.27 4.96
CA ASP A 122 -12.44 12.20 5.75
C ASP A 122 -11.45 13.17 6.43
N ARG A 123 -10.30 12.65 6.88
CA ARG A 123 -9.30 13.50 7.58
C ARG A 123 -8.70 14.48 6.55
N ALA A 124 -8.46 14.06 5.33
CA ALA A 124 -7.93 14.98 4.31
C ALA A 124 -8.90 16.13 4.12
N ARG A 125 -10.19 15.85 4.05
CA ARG A 125 -11.20 16.88 3.93
C ARG A 125 -11.17 17.82 5.15
N GLU A 126 -11.09 17.25 6.35
CA GLU A 126 -11.06 18.06 7.55
C GLU A 126 -9.88 19.00 7.54
N LEU A 127 -8.77 18.55 6.97
CA LEU A 127 -7.52 19.38 6.89
C LEU A 127 -7.63 20.46 5.81
N GLY A 128 -8.65 20.48 5.00
CA GLY A 128 -8.92 21.49 3.99
C GLY A 128 -8.87 21.06 2.54
N VAL A 129 -8.67 19.78 2.29
CA VAL A 129 -8.70 19.31 0.90
C VAL A 129 -10.13 19.40 0.38
N THR A 130 -10.29 19.84 -0.84
CA THR A 130 -11.57 19.75 -1.58
C THR A 130 -11.58 18.36 -2.18
N VAL A 131 -12.36 17.46 -1.64
CA VAL A 131 -12.46 16.05 -2.09
C VAL A 131 -13.70 15.96 -2.94
N LEU A 132 -13.56 15.58 -4.16
CA LEU A 132 -14.68 15.34 -5.09
C LEU A 132 -14.81 13.84 -5.26
N GLU A 133 -15.95 13.28 -4.91
CA GLU A 133 -16.26 11.86 -5.14
C GLU A 133 -17.10 11.72 -6.42
N GLY A 134 -17.02 10.56 -7.03
CA GLY A 134 -17.63 10.31 -8.32
C GLY A 134 -16.96 10.99 -9.49
N ALA A 135 -15.73 11.43 -9.31
CA ALA A 135 -14.97 12.22 -10.29
C ALA A 135 -13.87 11.34 -10.86
N SER A 136 -13.97 10.99 -12.13
CA SER A 136 -13.01 10.07 -12.79
C SER A 136 -12.11 10.92 -13.66
N VAL A 137 -10.82 10.97 -13.35
CA VAL A 137 -9.88 11.66 -14.24
C VAL A 137 -9.73 10.87 -15.53
N LYS A 138 -9.83 11.56 -16.63
CA LYS A 138 -9.77 10.96 -17.98
C LYS A 138 -8.41 11.19 -18.63
N GLU A 139 -7.90 12.40 -18.59
CA GLU A 139 -6.63 12.70 -19.27
C GLU A 139 -6.02 13.90 -18.61
N PRO A 140 -4.69 13.99 -18.65
CA PRO A 140 -4.01 15.17 -18.21
C PRO A 140 -4.10 16.31 -19.21
N LEU A 141 -3.94 17.53 -18.71
CA LEU A 141 -3.84 18.73 -19.55
C LEU A 141 -2.40 19.18 -19.55
N PHE A 142 -1.93 19.65 -20.70
CA PHE A 142 -0.52 20.05 -20.83
C PHE A 142 -0.35 21.43 -21.44
N ASP A 143 0.74 22.06 -21.04
CA ASP A 143 1.30 23.26 -21.75
C ASP A 143 2.70 22.82 -22.19
N GLY A 144 2.84 22.42 -23.43
CA GLY A 144 4.08 21.76 -23.86
C GLY A 144 4.20 20.46 -23.11
N ASP A 145 5.36 20.23 -22.51
CA ASP A 145 5.55 18.98 -21.73
C ASP A 145 4.96 19.14 -20.34
N ARG A 146 4.70 20.33 -19.82
CA ARG A 146 4.33 20.50 -18.41
C ARG A 146 2.86 20.13 -18.23
N MET A 147 2.58 19.26 -17.29
CA MET A 147 1.20 18.99 -16.88
C MET A 147 0.73 20.25 -16.16
N VAL A 148 -0.49 20.72 -16.49
CA VAL A 148 -1.04 21.98 -15.91
C VAL A 148 -2.43 21.74 -15.34
N GLY A 149 -2.94 20.52 -15.39
CA GLY A 149 -4.26 20.23 -14.83
C GLY A 149 -4.73 18.90 -15.36
N VAL A 150 -6.02 18.62 -15.19
CA VAL A 150 -6.65 17.37 -15.64
C VAL A 150 -8.03 17.67 -16.18
N ARG A 151 -8.50 16.73 -16.95
CA ARG A 151 -9.88 16.66 -17.43
C ARG A 151 -10.54 15.52 -16.71
N TYR A 152 -11.72 15.76 -16.09
CA TYR A 152 -12.41 14.67 -15.39
C TYR A 152 -13.89 14.62 -15.79
N SER A 153 -14.49 13.47 -15.55
CA SER A 153 -15.92 13.20 -15.83
C SER A 153 -16.54 12.95 -14.47
N VAL A 154 -17.76 13.39 -14.28
CA VAL A 154 -18.55 13.14 -13.05
C VAL A 154 -19.60 12.14 -13.45
N ARG A 155 -19.76 11.11 -12.66
CA ARG A 155 -20.68 10.05 -13.00
C ARG A 155 -22.08 10.58 -13.31
N ASN A 156 -22.59 10.18 -14.48
CA ASN A 156 -23.97 10.48 -14.94
C ASN A 156 -24.12 11.92 -15.39
N GLU A 157 -23.04 12.69 -15.53
CA GLU A 157 -23.09 14.06 -16.03
C GLU A 157 -22.43 14.07 -17.40
N ALA A 158 -23.03 14.73 -18.36
CA ALA A 158 -22.57 14.63 -19.76
C ALA A 158 -21.21 15.31 -19.91
N GLU A 159 -21.03 16.43 -19.26
CA GLU A 159 -19.94 17.37 -19.64
C GLU A 159 -18.74 17.11 -18.75
N THR A 160 -17.60 16.93 -19.37
CA THR A 160 -16.33 16.84 -18.62
C THR A 160 -15.95 18.21 -18.08
N VAL A 161 -15.01 18.25 -17.16
CA VAL A 161 -14.56 19.45 -16.45
C VAL A 161 -13.04 19.52 -16.58
N ASP A 162 -12.51 20.66 -16.96
CA ASP A 162 -11.06 20.94 -16.95
C ASP A 162 -10.75 21.73 -15.71
N VAL A 163 -9.70 21.37 -15.00
CA VAL A 163 -9.27 22.04 -13.79
C VAL A 163 -7.75 22.22 -13.84
N SER A 164 -7.28 23.37 -13.38
CA SER A 164 -5.85 23.72 -13.36
C SER A 164 -5.23 23.35 -12.02
N GLY A 165 -3.99 22.88 -12.07
CA GLY A 165 -3.19 22.62 -10.88
C GLY A 165 -1.72 22.83 -11.17
N LYS A 166 -1.02 23.34 -10.21
CA LYS A 166 0.42 23.62 -10.47
C LYS A 166 1.20 22.31 -10.48
N ILE A 167 0.85 21.35 -9.62
CA ILE A 167 1.43 19.98 -9.68
C ILE A 167 0.24 19.03 -9.54
N THR A 168 0.23 18.01 -10.32
CA THR A 168 -0.76 16.91 -10.28
C THR A 168 -0.10 15.64 -9.79
N ILE A 169 -0.65 15.05 -8.75
CA ILE A 169 -0.16 13.81 -8.15
C ILE A 169 -1.03 12.67 -8.59
N ASP A 170 -0.47 11.70 -9.25
CA ASP A 170 -1.18 10.44 -9.61
C ASP A 170 -1.08 9.47 -8.43
N ALA A 171 -2.22 9.27 -7.78
CA ALA A 171 -2.37 8.32 -6.67
C ALA A 171 -3.44 7.29 -7.02
N THR A 172 -3.48 6.87 -8.26
CA THR A 172 -4.55 5.98 -8.78
C THR A 172 -4.32 4.51 -8.50
N GLY A 173 -3.33 4.16 -7.71
CA GLY A 173 -3.14 2.76 -7.37
C GLY A 173 -2.92 1.89 -8.58
N GLN A 174 -3.40 0.65 -8.55
CA GLN A 174 -3.24 -0.29 -9.65
C GLN A 174 -3.90 0.17 -10.92
N GLN A 175 -4.70 1.20 -10.93
CA GLN A 175 -5.21 1.77 -12.22
C GLN A 175 -4.10 2.42 -13.01
N ARG A 176 -3.00 2.75 -12.36
CA ARG A 176 -1.82 3.24 -13.08
C ARG A 176 -2.09 4.30 -14.13
N TRP A 177 -2.77 5.36 -13.78
CA TRP A 177 -3.16 6.41 -14.73
C TRP A 177 -1.98 6.97 -15.52
N LEU A 178 -0.96 7.48 -14.86
CA LEU A 178 0.15 8.07 -15.63
C LEU A 178 1.11 7.00 -16.15
N GLY A 179 1.24 5.88 -15.51
CA GLY A 179 2.03 4.80 -16.09
C GLY A 179 1.45 4.41 -17.42
N ARG A 180 0.15 4.33 -17.54
CA ARG A 180 -0.52 4.02 -18.81
C ARG A 180 -0.40 5.21 -19.73
N HIS A 181 -0.64 6.42 -19.27
CA HIS A 181 -0.61 7.60 -20.16
C HIS A 181 0.74 7.66 -20.88
N PHE A 182 1.81 7.53 -20.15
CA PHE A 182 3.20 7.66 -20.65
C PHE A 182 3.74 6.32 -21.13
N ASP A 183 2.97 5.26 -21.11
CA ASP A 183 3.44 3.89 -21.49
C ASP A 183 4.79 3.63 -20.85
N MET A 184 4.85 3.70 -19.51
CA MET A 184 6.15 3.65 -18.83
C MET A 184 6.17 2.62 -17.70
N VAL A 185 5.26 1.65 -17.75
CA VAL A 185 5.19 0.62 -16.70
C VAL A 185 6.27 -0.46 -16.97
N GLU A 186 7.16 -0.69 -16.05
CA GLU A 186 8.20 -1.72 -16.17
C GLU A 186 7.73 -2.92 -15.36
N TRP A 187 7.25 -3.94 -16.01
CA TRP A 187 6.73 -5.09 -15.31
C TRP A 187 7.80 -6.00 -14.72
N HIS A 188 7.53 -6.54 -13.55
CA HIS A 188 8.38 -7.58 -12.95
C HIS A 188 7.82 -8.91 -13.50
N GLU A 189 8.41 -9.39 -14.56
CA GLU A 189 7.87 -10.58 -15.27
C GLU A 189 8.13 -11.83 -14.43
N ASP A 190 8.91 -11.79 -13.36
CA ASP A 190 9.12 -12.93 -12.45
C ASP A 190 8.06 -12.96 -11.37
N LEU A 191 7.21 -11.95 -11.28
CA LEU A 191 6.19 -11.82 -10.21
C LEU A 191 4.86 -11.65 -10.88
N ARG A 192 4.44 -12.63 -11.65
CA ARG A 192 3.12 -12.65 -12.33
C ARG A 192 2.29 -13.64 -11.51
N ASN A 193 1.61 -13.09 -10.51
CA ASN A 193 0.90 -13.90 -9.52
C ASN A 193 -0.58 -13.59 -9.57
N ILE A 194 -1.36 -14.51 -9.06
CA ILE A 194 -2.81 -14.38 -8.89
C ILE A 194 -3.10 -14.63 -7.42
N ALA A 195 -4.05 -13.90 -6.89
CA ALA A 195 -4.58 -14.05 -5.54
C ALA A 195 -6.05 -14.35 -5.64
N ALA A 196 -6.53 -15.22 -4.76
CA ALA A 196 -7.95 -15.53 -4.59
C ALA A 196 -8.20 -15.48 -3.10
N TRP A 197 -9.30 -14.83 -2.69
CA TRP A 197 -9.54 -14.70 -1.25
C TRP A 197 -11.02 -14.59 -0.96
N SER A 198 -11.31 -14.82 0.31
CA SER A 198 -12.65 -14.59 0.86
C SER A 198 -12.56 -14.27 2.32
N TYR A 199 -13.71 -14.17 2.95
CA TYR A 199 -13.87 -13.85 4.38
C TYR A 199 -14.59 -15.00 5.06
N TYR A 200 -14.19 -15.25 6.28
CA TYR A 200 -14.57 -16.47 7.03
C TYR A 200 -14.94 -16.10 8.42
N GLN A 201 -16.03 -16.72 8.90
CA GLN A 201 -16.46 -16.63 10.31
C GLN A 201 -16.05 -17.90 11.03
N GLY A 202 -15.68 -17.77 12.30
CA GLY A 202 -15.44 -18.97 13.08
C GLY A 202 -14.00 -19.43 13.07
N GLY A 203 -13.06 -18.70 12.41
CA GLY A 203 -11.66 -19.06 12.51
C GLY A 203 -11.15 -18.93 13.93
N LEU A 204 -10.17 -19.77 14.27
CA LEU A 204 -9.55 -19.67 15.60
C LEU A 204 -8.64 -18.46 15.72
N ARG A 205 -8.26 -18.15 16.95
CA ARG A 205 -7.36 -17.03 17.23
C ARG A 205 -6.23 -17.51 18.12
N TYR A 206 -5.05 -16.99 17.90
CA TYR A 206 -3.92 -17.22 18.82
C TYR A 206 -4.23 -16.50 20.12
N GLU A 207 -3.42 -16.87 21.13
CA GLU A 207 -3.65 -16.39 22.53
C GLU A 207 -2.92 -15.09 22.78
N GLY A 208 -3.45 -14.25 23.63
CA GLY A 208 -2.72 -13.05 24.12
C GLY A 208 -2.47 -12.04 23.01
N GLU A 209 -1.31 -11.38 23.01
CA GLU A 209 -0.95 -10.35 22.04
C GLU A 209 -0.96 -10.96 20.65
N THR A 210 -0.69 -12.26 20.50
CA THR A 210 -0.56 -12.88 19.16
C THR A 210 -1.93 -13.06 18.48
N GLU A 211 -3.03 -12.81 19.14
CA GLU A 211 -4.38 -12.85 18.58
C GLU A 211 -4.43 -12.07 17.25
N GLY A 212 -3.82 -10.90 17.20
CA GLY A 212 -3.90 -10.02 16.04
C GLY A 212 -2.89 -10.36 14.98
N ASN A 213 -2.10 -11.38 15.09
CA ASN A 213 -1.02 -11.64 14.12
C ASN A 213 -1.62 -11.95 12.76
N ILE A 214 -0.94 -11.51 11.69
CA ILE A 214 -1.09 -12.15 10.38
C ILE A 214 -0.40 -13.51 10.48
N LEU A 215 -0.95 -14.53 9.86
CA LEU A 215 -0.26 -15.77 9.58
C LEU A 215 -0.07 -15.89 8.09
N THR A 216 1.16 -16.17 7.69
CA THR A 216 1.51 -16.42 6.32
C THR A 216 2.02 -17.87 6.28
N GLU A 217 1.41 -18.70 5.44
CA GLU A 217 1.76 -20.12 5.41
C GLU A 217 2.18 -20.59 4.05
N ASN A 218 3.38 -21.10 3.92
CA ASN A 218 3.83 -21.61 2.66
C ASN A 218 3.12 -22.87 2.21
N ARG A 219 2.87 -22.98 0.90
CA ARG A 219 2.26 -24.16 0.26
C ARG A 219 3.22 -24.62 -0.86
N PRO A 220 2.96 -25.80 -1.44
CA PRO A 220 3.91 -26.34 -2.44
C PRO A 220 4.23 -25.34 -3.55
N HIS A 221 3.22 -24.59 -4.05
CA HIS A 221 3.43 -23.72 -5.20
C HIS A 221 2.75 -22.39 -4.95
N GLY A 222 2.66 -22.01 -3.70
CA GLY A 222 2.04 -20.70 -3.40
C GLY A 222 2.09 -20.44 -1.92
N TRP A 223 1.22 -19.58 -1.42
CA TRP A 223 1.15 -19.35 0.02
C TRP A 223 -0.22 -18.81 0.39
N LEU A 224 -0.57 -18.99 1.65
CA LEU A 224 -1.83 -18.49 2.23
C LEU A 224 -1.57 -17.35 3.20
N TRP A 225 -2.50 -16.38 3.23
CA TRP A 225 -2.59 -15.41 4.34
C TRP A 225 -3.83 -15.72 5.16
N TYR A 226 -3.74 -15.34 6.43
CA TYR A 226 -4.81 -15.47 7.41
C TYR A 226 -4.72 -14.24 8.29
N ILE A 227 -5.64 -13.29 8.06
CA ILE A 227 -5.65 -11.96 8.66
C ILE A 227 -6.86 -11.78 9.55
N PRO A 228 -6.69 -11.67 10.88
CA PRO A 228 -7.83 -11.49 11.77
C PRO A 228 -8.30 -10.04 11.75
N LEU A 229 -9.39 -9.73 11.13
CA LEU A 229 -9.95 -8.36 11.10
C LEU A 229 -10.69 -8.05 12.41
N SER A 230 -11.26 -9.05 12.98
CA SER A 230 -12.04 -8.95 14.23
C SER A 230 -12.06 -10.30 14.89
N LYS A 231 -12.72 -10.40 16.04
CA LYS A 231 -12.85 -11.72 16.66
C LYS A 231 -13.62 -12.67 15.76
N ASP A 232 -14.51 -12.18 14.90
CA ASP A 232 -15.44 -13.04 14.14
C ASP A 232 -15.03 -13.19 12.67
N ILE A 233 -14.23 -12.29 12.09
CA ILE A 233 -13.94 -12.34 10.65
C ILE A 233 -12.44 -12.47 10.41
N THR A 234 -12.13 -13.40 9.54
CA THR A 234 -10.78 -13.62 9.02
C THR A 234 -10.78 -13.46 7.52
N SER A 235 -9.82 -12.71 7.00
CA SER A 235 -9.51 -12.62 5.57
C SER A 235 -8.56 -13.75 5.27
N ILE A 236 -8.88 -14.59 4.32
CA ILE A 236 -7.98 -15.71 3.96
C ILE A 236 -7.82 -15.71 2.45
N GLY A 237 -6.57 -15.69 2.00
CA GLY A 237 -6.26 -15.70 0.55
C GLY A 237 -5.12 -16.66 0.21
N TYR A 238 -5.10 -17.04 -1.04
CA TYR A 238 -4.03 -17.89 -1.60
C TYR A 238 -3.42 -17.15 -2.77
N VAL A 239 -2.09 -17.11 -2.79
CA VAL A 239 -1.32 -16.43 -3.84
C VAL A 239 -0.41 -17.44 -4.50
N THR A 240 -0.37 -17.45 -5.82
CA THR A 240 0.40 -18.44 -6.57
C THR A 240 0.77 -17.81 -7.90
N PRO A 241 1.87 -18.21 -8.54
CA PRO A 241 2.09 -17.76 -9.90
C PRO A 241 0.92 -18.13 -10.79
N SER A 242 0.52 -17.23 -11.71
CA SER A 242 -0.54 -17.52 -12.67
C SER A 242 -0.22 -18.80 -13.44
N SER A 243 1.04 -19.07 -13.74
CA SER A 243 1.41 -20.33 -14.46
C SER A 243 1.05 -21.55 -13.65
N ARG A 244 1.21 -21.52 -12.33
CA ARG A 244 0.88 -22.71 -11.49
C ARG A 244 -0.61 -22.91 -11.44
N LEU A 245 -1.39 -21.85 -11.27
CA LEU A 245 -2.83 -22.03 -11.31
C LEU A 245 -3.26 -22.59 -12.66
N ALA A 246 -2.73 -22.02 -13.76
CA ALA A 246 -3.15 -22.44 -15.10
C ALA A 246 -2.87 -23.93 -15.30
N GLU A 247 -1.70 -24.36 -14.89
CA GLU A 247 -1.25 -25.78 -15.02
C GLU A 247 -2.22 -26.67 -14.30
N SER A 248 -2.76 -26.22 -13.16
CA SER A 248 -3.65 -27.07 -12.32
C SER A 248 -4.96 -27.35 -13.04
N GLY A 249 -5.44 -26.48 -13.93
CA GLY A 249 -6.77 -26.52 -14.55
C GLY A 249 -7.87 -26.10 -13.58
N LEU A 250 -7.57 -25.78 -12.31
CA LEU A 250 -8.61 -25.37 -11.33
C LEU A 250 -8.91 -23.89 -11.49
N THR A 251 -10.14 -23.54 -11.14
CA THR A 251 -10.49 -22.12 -10.98
C THR A 251 -9.76 -21.56 -9.77
N PRO A 252 -9.61 -20.26 -9.72
CA PRO A 252 -8.93 -19.69 -8.56
C PRO A 252 -9.69 -19.99 -7.25
N GLU A 253 -11.00 -20.00 -7.31
CA GLU A 253 -11.85 -20.27 -6.17
C GLU A 253 -11.70 -21.70 -5.72
N ALA A 254 -11.70 -22.66 -6.64
CA ALA A 254 -11.51 -24.07 -6.26
C ALA A 254 -10.12 -24.23 -5.66
N MET A 255 -9.12 -23.57 -6.20
CA MET A 255 -7.78 -23.68 -5.68
C MET A 255 -7.71 -23.16 -4.26
N LEU A 256 -8.31 -21.98 -3.98
CA LEU A 256 -8.34 -21.46 -2.61
C LEU A 256 -8.96 -22.52 -1.68
N ASP A 257 -10.08 -23.06 -2.03
CA ASP A 257 -10.72 -24.03 -1.17
C ASP A 257 -9.78 -25.22 -0.91
N LYS A 258 -9.14 -25.70 -1.96
CA LYS A 258 -8.21 -26.87 -1.84
C LYS A 258 -7.05 -26.51 -0.90
N GLN A 259 -6.48 -25.34 -1.05
CA GLN A 259 -5.29 -24.99 -0.26
C GLN A 259 -5.65 -24.77 1.20
N ILE A 260 -6.79 -24.13 1.47
CA ILE A 260 -7.21 -24.00 2.89
C ILE A 260 -7.32 -25.44 3.46
N ALA A 261 -8.03 -26.31 2.77
CA ALA A 261 -8.28 -27.67 3.34
C ALA A 261 -7.00 -28.40 3.54
N GLU A 262 -6.06 -28.30 2.66
CA GLU A 262 -4.87 -29.15 2.68
C GLU A 262 -3.74 -28.61 3.51
N SER A 263 -3.83 -27.33 3.81
CA SER A 263 -2.82 -26.67 4.64
C SER A 263 -2.81 -27.22 6.09
N SER A 264 -1.71 -27.03 6.74
CA SER A 264 -1.55 -27.51 8.10
C SER A 264 -2.12 -26.53 9.12
N GLU A 265 -1.64 -25.31 9.10
CA GLU A 265 -2.07 -24.36 10.11
C GLU A 265 -3.37 -23.67 9.75
N VAL A 266 -3.48 -23.11 8.56
CA VAL A 266 -4.77 -22.50 8.18
C VAL A 266 -5.85 -23.59 8.23
N GLY A 267 -5.57 -24.83 7.84
CA GLY A 267 -6.59 -25.90 7.88
C GLY A 267 -7.03 -26.13 9.31
N ARG A 268 -6.12 -26.13 10.24
CA ARG A 268 -6.48 -26.32 11.67
C ARG A 268 -7.32 -25.13 12.14
N LEU A 269 -6.86 -23.92 11.85
CA LEU A 269 -7.53 -22.69 12.31
C LEU A 269 -8.94 -22.54 11.73
N THR A 270 -9.20 -23.18 10.61
CA THR A 270 -10.49 -23.08 9.91
C THR A 270 -11.38 -24.33 10.10
N ALA A 271 -11.04 -25.19 11.05
CA ALA A 271 -11.80 -26.46 11.16
C ALA A 271 -13.29 -26.18 11.40
N ASN A 272 -13.65 -25.11 12.06
CA ASN A 272 -15.07 -24.83 12.37
C ASN A 272 -15.48 -23.54 11.68
N ALA A 273 -14.73 -23.13 10.66
CA ALA A 273 -15.01 -21.85 9.98
C ALA A 273 -16.01 -22.06 8.85
N ARG A 274 -16.59 -20.94 8.41
CA ARG A 274 -17.52 -20.91 7.28
C ARG A 274 -17.21 -19.68 6.43
N ARG A 275 -17.21 -19.84 5.13
CA ARG A 275 -17.03 -18.69 4.22
C ARG A 275 -18.29 -17.88 4.32
N VAL A 276 -18.13 -16.55 4.37
CA VAL A 276 -19.27 -15.63 4.57
C VAL A 276 -19.26 -14.50 3.58
N ASP A 277 -18.49 -14.59 2.49
CA ASP A 277 -18.55 -13.58 1.43
C ASP A 277 -18.28 -14.26 0.12
N ILE A 278 -18.41 -13.53 -0.96
CA ILE A 278 -18.00 -13.99 -2.29
C ILE A 278 -16.48 -14.24 -2.31
N TYR A 279 -16.08 -14.90 -3.39
CA TYR A 279 -14.67 -14.97 -3.77
C TYR A 279 -14.31 -13.72 -4.56
N ARG A 280 -13.09 -13.25 -4.36
CA ARG A 280 -12.51 -12.20 -5.17
C ARG A 280 -11.12 -12.64 -5.65
N THR A 281 -10.68 -12.06 -6.77
CA THR A 281 -9.32 -12.31 -7.28
C THR A 281 -8.65 -11.03 -7.70
N ALA A 282 -7.32 -11.09 -7.80
CA ALA A 282 -6.49 -10.01 -8.36
C ALA A 282 -5.31 -10.69 -8.99
N ARG A 283 -4.69 -10.05 -9.96
CA ARG A 283 -3.45 -10.58 -10.57
C ARG A 283 -2.65 -9.46 -11.18
N ASP A 284 -1.39 -9.80 -11.50
CA ASP A 284 -0.58 -8.95 -12.39
C ASP A 284 -0.41 -7.54 -11.83
N TRP A 285 0.21 -7.53 -10.67
CA TRP A 285 0.29 -6.33 -9.81
C TRP A 285 1.68 -5.81 -9.64
N SER A 286 2.72 -6.48 -10.15
CA SER A 286 4.13 -6.19 -9.74
C SER A 286 4.88 -5.44 -10.82
N TYR A 287 5.23 -4.20 -10.54
CA TYR A 287 5.84 -3.32 -11.58
C TYR A 287 6.37 -2.09 -10.89
N VAL A 288 7.17 -1.35 -11.66
CA VAL A 288 7.63 -0.01 -11.25
C VAL A 288 7.53 0.87 -12.46
N CYS A 289 7.10 2.13 -12.33
CA CYS A 289 7.11 3.07 -13.47
C CYS A 289 8.55 3.51 -13.69
N GLU A 290 8.81 3.88 -14.96
CA GLU A 290 10.14 4.35 -15.36
C GLU A 290 10.55 5.62 -14.62
N ARG A 291 9.61 6.51 -14.41
CA ARG A 291 9.89 7.71 -13.64
C ARG A 291 8.66 7.99 -12.75
N PHE A 292 8.90 8.69 -11.66
CA PHE A 292 7.84 9.02 -10.70
C PHE A 292 7.49 10.54 -10.71
N SER A 293 8.00 11.26 -11.71
CA SER A 293 7.68 12.69 -11.82
C SER A 293 8.07 13.16 -13.20
N GLY A 294 7.65 14.38 -13.46
CA GLY A 294 8.03 15.14 -14.63
C GLY A 294 7.50 16.54 -14.42
N PRO A 295 7.64 17.43 -15.41
CA PRO A 295 7.21 18.81 -15.21
C PRO A 295 5.72 18.86 -14.92
N GLY A 296 5.39 19.34 -13.73
CA GLY A 296 4.00 19.49 -13.30
C GLY A 296 3.38 18.23 -12.73
N TYR A 297 4.08 17.14 -12.52
CA TYR A 297 3.41 15.91 -12.02
C TYR A 297 4.33 15.04 -11.19
N ALA A 298 3.71 14.19 -10.37
CA ALA A 298 4.39 13.18 -9.57
C ALA A 298 3.49 11.98 -9.49
N LEU A 299 4.06 10.82 -9.18
CA LEU A 299 3.33 9.54 -8.99
C LEU A 299 3.63 9.07 -7.58
N VAL A 300 2.68 8.46 -6.90
CA VAL A 300 2.86 7.96 -5.53
C VAL A 300 2.02 6.69 -5.32
N GLY A 301 2.44 5.82 -4.42
CA GLY A 301 1.68 4.60 -4.10
C GLY A 301 1.75 3.62 -5.24
N ASP A 302 0.75 2.75 -5.36
CA ASP A 302 0.81 1.69 -6.37
C ASP A 302 0.88 2.29 -7.77
N ALA A 303 0.39 3.52 -7.97
CA ALA A 303 0.51 4.16 -9.29
C ALA A 303 1.98 4.27 -9.68
N ALA A 304 2.88 4.44 -8.72
CA ALA A 304 4.34 4.45 -8.97
C ALA A 304 4.90 3.05 -9.02
N ALA A 305 4.58 2.20 -8.07
CA ALA A 305 5.22 0.88 -7.96
C ALA A 305 4.43 0.00 -7.00
N PHE A 306 4.52 -1.29 -7.21
CA PHE A 306 4.03 -2.27 -6.25
C PHE A 306 4.87 -3.53 -6.33
N ILE A 307 5.09 -4.18 -5.22
CA ILE A 307 5.92 -5.41 -5.22
C ILE A 307 4.99 -6.65 -5.29
N ASP A 308 4.42 -7.02 -4.17
CA ASP A 308 3.65 -8.27 -4.05
C ASP A 308 3.10 -8.31 -2.64
N PRO A 309 1.97 -9.01 -2.41
CA PRO A 309 1.43 -9.01 -1.07
C PRO A 309 2.24 -9.75 -0.01
N LEU A 310 3.26 -10.52 -0.41
CA LEU A 310 4.03 -11.31 0.57
C LEU A 310 4.73 -10.31 1.46
N LEU A 311 4.51 -10.39 2.72
CA LEU A 311 5.09 -9.46 3.74
C LEU A 311 4.37 -8.10 3.85
N SER A 312 3.20 -7.96 3.22
CA SER A 312 2.20 -6.91 3.55
C SER A 312 2.80 -5.50 3.71
N THR A 313 3.36 -4.98 2.63
CA THR A 313 4.02 -3.65 2.61
C THR A 313 3.30 -2.55 1.85
N GLY A 314 2.28 -2.85 1.05
CA GLY A 314 1.78 -1.88 0.09
C GLY A 314 1.23 -0.62 0.67
N VAL A 315 0.40 -0.72 1.71
CA VAL A 315 -0.22 0.50 2.29
C VAL A 315 0.88 1.30 2.98
N THR A 316 1.94 0.68 3.48
CA THR A 316 3.07 1.40 4.09
C THR A 316 3.91 2.11 3.01
N LEU A 317 4.14 1.45 1.88
CA LEU A 317 4.78 2.09 0.71
C LEU A 317 3.94 3.29 0.32
N ALA A 318 2.60 3.15 0.30
CA ALA A 318 1.70 4.22 -0.15
C ALA A 318 1.75 5.39 0.80
N MET A 319 1.70 5.17 2.10
CA MET A 319 1.65 6.27 3.09
C MET A 319 3.03 6.87 3.31
N ARG A 320 4.07 6.08 3.25
CA ARG A 320 5.43 6.65 3.22
C ARG A 320 5.52 7.54 1.94
N GLY A 321 4.99 7.04 0.83
CA GLY A 321 4.96 7.81 -0.42
C GLY A 321 4.19 9.09 -0.22
N GLY A 322 3.02 9.06 0.42
CA GLY A 322 2.30 10.29 0.60
C GLY A 322 3.03 11.32 1.46
N SER A 323 3.71 10.82 2.46
CA SER A 323 4.48 11.66 3.32
C SER A 323 5.65 12.30 2.57
N THR A 324 6.37 11.50 1.81
CA THR A 324 7.55 12.03 1.13
C THR A 324 7.12 12.87 -0.06
N VAL A 325 6.08 12.52 -0.80
CA VAL A 325 5.70 13.35 -1.97
C VAL A 325 5.14 14.64 -1.46
N SER A 326 4.43 14.64 -0.33
CA SER A 326 3.87 15.92 0.18
C SER A 326 5.03 16.85 0.55
N ARG A 327 6.10 16.33 1.13
CA ARG A 327 7.25 17.21 1.48
C ARG A 327 7.89 17.72 0.19
N ALA A 328 8.06 16.85 -0.81
CA ALA A 328 8.71 17.24 -2.07
C ALA A 328 7.86 18.25 -2.81
N VAL A 329 6.57 17.99 -2.91
CA VAL A 329 5.69 18.92 -3.62
C VAL A 329 5.61 20.28 -2.92
N HIS A 330 5.60 20.28 -1.62
CA HIS A 330 5.61 21.54 -0.89
C HIS A 330 6.90 22.32 -1.25
N GLU A 331 8.04 21.65 -1.22
CA GLU A 331 9.31 22.34 -1.52
C GLU A 331 9.28 22.83 -2.94
N ALA A 332 8.72 22.09 -3.88
CA ALA A 332 8.60 22.51 -5.28
C ALA A 332 7.66 23.71 -5.45
N LEU A 333 6.58 23.79 -4.68
CA LEU A 333 5.65 24.94 -4.76
C LEU A 333 6.31 26.19 -4.19
N VAL A 334 7.06 26.06 -3.11
CA VAL A 334 7.74 27.23 -2.46
C VAL A 334 8.88 27.68 -3.38
N ASP A 335 9.61 26.79 -4.06
CA ASP A 335 10.81 27.15 -4.87
C ASP A 335 10.66 26.43 -6.19
N PRO A 336 9.81 26.94 -7.08
CA PRO A 336 9.56 26.30 -8.38
C PRO A 336 10.80 26.07 -9.22
N ALA A 337 11.87 26.85 -9.01
CA ALA A 337 13.11 26.66 -9.78
C ALA A 337 13.73 25.32 -9.43
N LYS A 338 13.40 24.76 -8.29
CA LYS A 338 13.96 23.48 -7.85
C LYS A 338 12.95 22.37 -7.97
N GLU A 339 11.84 22.56 -8.65
CA GLU A 339 10.82 21.50 -8.73
C GLU A 339 11.45 20.19 -9.21
N ARG A 340 12.17 20.21 -10.33
CA ARG A 340 12.67 18.92 -10.88
C ARG A 340 13.64 18.29 -9.91
N ASP A 341 14.53 19.04 -9.34
CA ASP A 341 15.53 18.43 -8.44
C ASP A 341 14.86 17.80 -7.23
N THR A 342 13.87 18.49 -6.67
CA THR A 342 13.20 17.99 -5.47
C THR A 342 12.43 16.71 -5.81
N LEU A 343 11.79 16.66 -6.95
CA LEU A 343 11.04 15.48 -7.33
C LEU A 343 11.95 14.34 -7.75
N GLN A 344 13.14 14.62 -8.28
CA GLN A 344 14.10 13.52 -8.57
C GLN A 344 14.62 12.96 -7.26
N THR A 345 14.82 13.75 -6.23
CA THR A 345 15.26 13.26 -4.94
C THR A 345 14.16 12.39 -4.28
N TYR A 346 12.94 12.80 -4.44
CA TYR A 346 11.77 12.04 -3.94
C TYR A 346 11.81 10.65 -4.53
N GLU A 347 12.06 10.55 -5.82
CA GLU A 347 12.08 9.26 -6.52
C GLU A 347 13.27 8.42 -6.07
N ASP A 348 14.41 9.03 -5.88
CA ASP A 348 15.62 8.31 -5.47
C ASP A 348 15.33 7.63 -4.13
N SER A 349 14.79 8.36 -3.19
CA SER A 349 14.49 7.86 -1.88
C SER A 349 13.44 6.73 -1.90
N TYR A 350 12.44 6.93 -2.72
CA TYR A 350 11.37 5.91 -2.89
C TYR A 350 11.97 4.64 -3.42
N ARG A 351 12.85 4.76 -4.42
CA ARG A 351 13.47 3.59 -5.05
C ARG A 351 14.42 2.85 -4.09
N ASP A 352 15.12 3.57 -3.25
CA ASP A 352 15.98 2.95 -2.25
C ASP A 352 15.11 2.09 -1.32
N PHE A 353 14.05 2.67 -0.79
CA PHE A 353 13.16 1.95 0.14
C PHE A 353 12.51 0.79 -0.57
N LEU A 354 12.00 1.01 -1.75
CA LEU A 354 11.33 -0.01 -2.53
C LEU A 354 12.22 -1.17 -2.89
N ASN A 355 13.43 -0.85 -3.30
CA ASN A 355 14.33 -1.90 -3.69
C ASN A 355 14.73 -2.84 -2.56
N SER A 356 14.89 -2.32 -1.35
CA SER A 356 15.24 -3.22 -0.24
C SER A 356 14.15 -4.28 -0.06
N LEU A 357 12.89 -3.83 -0.15
CA LEU A 357 11.72 -4.72 -0.01
C LEU A 357 11.58 -5.64 -1.21
N LEU A 358 11.82 -5.17 -2.42
CA LEU A 358 11.71 -6.02 -3.61
C LEU A 358 12.74 -7.12 -3.50
N GLU A 359 14.00 -6.75 -3.20
CA GLU A 359 15.04 -7.80 -3.11
C GLU A 359 14.67 -8.77 -1.99
N PHE A 360 14.15 -8.30 -0.87
CA PHE A 360 13.85 -9.21 0.25
C PHE A 360 12.66 -10.09 -0.10
N VAL A 361 11.63 -9.57 -0.76
CA VAL A 361 10.47 -10.40 -1.14
C VAL A 361 10.95 -11.49 -2.08
N ARG A 362 11.80 -11.16 -3.06
CA ARG A 362 12.28 -12.16 -4.01
C ARG A 362 13.11 -13.22 -3.25
N PHE A 363 13.88 -12.82 -2.27
CA PHE A 363 14.68 -13.75 -1.42
C PHE A 363 13.72 -14.62 -0.62
N PHE A 364 12.72 -14.02 -0.01
CA PHE A 364 11.83 -14.71 0.95
C PHE A 364 10.99 -15.73 0.23
N TYR A 365 10.77 -15.54 -1.06
CA TYR A 365 10.03 -16.47 -1.91
C TYR A 365 10.74 -17.84 -1.99
N ASP A 366 12.03 -17.90 -1.72
CA ASP A 366 12.76 -19.21 -1.62
C ASP A 366 12.40 -19.83 -0.28
N ARG A 367 11.52 -20.85 -0.31
CA ARG A 367 11.00 -21.48 0.93
C ARG A 367 11.94 -22.63 1.34
N THR A 368 13.17 -22.69 0.84
CA THR A 368 14.14 -23.78 1.16
C THR A 368 15.05 -23.35 2.31
N LYS A 369 14.96 -22.09 2.76
CA LYS A 369 15.84 -21.52 3.80
C LYS A 369 15.16 -21.61 5.16
N GLY A 370 15.87 -21.26 6.21
CA GLY A 370 15.32 -21.25 7.56
C GLY A 370 15.17 -19.84 8.09
N GLN A 371 14.49 -19.71 9.23
CA GLN A 371 14.27 -18.41 9.90
C GLN A 371 15.58 -17.62 10.01
N LYS A 372 16.67 -18.24 10.47
CA LYS A 372 17.94 -17.50 10.63
C LYS A 372 18.47 -17.01 9.28
N ASP A 373 18.32 -17.83 8.25
CA ASP A 373 18.74 -17.45 6.87
C ASP A 373 17.96 -16.21 6.46
N TYR A 374 16.64 -16.19 6.73
CA TYR A 374 15.86 -14.99 6.33
C TYR A 374 16.31 -13.76 7.08
N HIS A 375 16.64 -13.88 8.34
CA HIS A 375 17.13 -12.78 9.08
C HIS A 375 18.46 -12.23 8.51
N VAL A 376 19.37 -13.15 8.21
CA VAL A 376 20.69 -12.77 7.67
C VAL A 376 20.49 -12.16 6.27
N GLY A 377 19.52 -12.65 5.52
CA GLY A 377 19.20 -12.04 4.21
C GLY A 377 18.76 -10.58 4.37
N ALA A 378 17.94 -10.28 5.38
CA ALA A 378 17.50 -8.90 5.61
C ALA A 378 18.68 -8.03 6.01
N GLN A 379 19.51 -8.55 6.94
CA GLN A 379 20.74 -7.83 7.34
C GLN A 379 21.68 -7.53 6.15
N ALA A 380 21.79 -8.47 5.24
CA ALA A 380 22.66 -8.36 4.06
C ALA A 380 22.18 -7.21 3.17
N ILE A 381 20.87 -6.94 3.16
CA ILE A 381 20.34 -5.80 2.36
C ILE A 381 20.46 -4.47 3.08
N ILE A 382 19.96 -4.32 4.32
CA ILE A 382 19.80 -3.00 4.94
C ILE A 382 20.95 -2.67 5.92
N ASP A 383 21.79 -3.65 6.28
CA ASP A 383 22.80 -3.46 7.36
C ASP A 383 24.03 -4.29 7.03
N PRO A 384 24.65 -4.10 5.83
CA PRO A 384 25.76 -4.97 5.40
C PRO A 384 26.97 -4.90 6.36
N ASP A 385 27.12 -3.84 7.14
CA ASP A 385 28.26 -3.66 8.09
C ASP A 385 27.88 -4.20 9.48
N LYS A 386 26.68 -4.76 9.62
CA LYS A 386 26.22 -5.45 10.84
C LYS A 386 26.26 -4.54 12.07
N HIS A 387 25.79 -3.31 11.98
CA HIS A 387 25.56 -2.40 13.14
C HIS A 387 24.58 -3.04 14.11
N PHE A 388 23.72 -3.95 13.65
CA PHE A 388 22.59 -4.47 14.48
C PHE A 388 22.48 -5.98 14.36
N PRO A 389 21.86 -6.67 15.35
CA PRO A 389 21.62 -8.10 15.20
C PRO A 389 20.72 -8.45 14.00
N ALA A 390 20.92 -9.59 13.37
CA ALA A 390 20.16 -9.98 12.14
C ALA A 390 18.66 -9.96 12.46
N ASN A 391 18.24 -10.36 13.64
CA ASN A 391 16.76 -10.45 13.93
C ASN A 391 16.20 -9.01 14.00
N VAL A 392 16.94 -8.05 14.50
CA VAL A 392 16.55 -6.62 14.54
C VAL A 392 16.44 -6.10 13.11
N ASP A 393 17.41 -6.40 12.25
CA ASP A 393 17.36 -5.99 10.87
C ASP A 393 16.14 -6.58 10.16
N PHE A 394 15.85 -7.86 10.40
CA PHE A 394 14.66 -8.52 9.81
C PHE A 394 13.46 -7.69 10.21
N VAL A 395 13.28 -7.40 11.49
CA VAL A 395 12.06 -6.71 11.94
C VAL A 395 12.04 -5.27 11.40
N THR A 396 13.17 -4.55 11.34
CA THR A 396 13.22 -3.23 10.73
C THR A 396 12.67 -3.35 9.29
N LEU A 397 13.19 -4.25 8.52
CA LEU A 397 12.83 -4.33 7.08
C LEU A 397 11.34 -4.67 6.95
N VAL A 398 10.88 -5.74 7.59
CA VAL A 398 9.48 -6.20 7.38
C VAL A 398 8.52 -5.32 8.14
N SER A 399 8.94 -4.39 8.96
CA SER A 399 8.09 -3.36 9.56
C SER A 399 7.86 -2.19 8.61
N GLY A 400 8.56 -2.13 7.48
CA GLY A 400 8.50 -0.99 6.58
C GLY A 400 9.08 0.25 7.20
N LEU A 401 10.14 0.05 7.98
CA LEU A 401 10.89 1.18 8.55
C LEU A 401 12.24 1.21 7.84
N ALA A 402 12.90 2.35 7.91
CA ALA A 402 14.23 2.50 7.33
C ALA A 402 14.96 3.56 8.14
N ARG A 403 16.12 3.18 8.63
CA ARG A 403 16.90 4.09 9.44
C ARG A 403 17.34 5.28 8.66
N GLY A 404 17.11 6.43 9.21
CA GLY A 404 17.48 7.66 8.57
C GLY A 404 16.47 8.23 7.61
N ASP A 405 15.39 7.49 7.40
CA ASP A 405 14.30 7.93 6.50
C ASP A 405 13.35 8.73 7.39
N ASP A 406 13.19 10.01 7.12
CA ASP A 406 12.37 10.93 7.93
C ASP A 406 10.90 10.50 7.89
N ALA A 407 10.45 9.68 6.91
CA ALA A 407 9.01 9.36 6.83
C ALA A 407 8.71 8.08 7.62
N VAL A 408 9.69 7.18 7.74
CA VAL A 408 9.50 5.83 8.34
C VAL A 408 10.71 5.45 9.18
N ASP A 409 11.24 6.43 9.92
CA ASP A 409 12.47 6.20 10.69
C ASP A 409 12.22 5.14 11.76
N VAL A 410 13.29 4.46 12.11
CA VAL A 410 13.29 3.52 13.27
C VAL A 410 13.27 4.40 14.51
N PRO A 411 12.30 4.22 15.43
CA PRO A 411 12.24 5.11 16.60
C PRO A 411 13.27 4.73 17.67
PA FAD B . -5.46 2.43 -3.79
O1A FAD B . -5.49 2.21 -2.30
O2A FAD B . -5.88 1.32 -4.73
O5B FAD B . -6.34 3.74 -4.12
C5B FAD B . -6.31 4.32 -5.42
C4B FAD B . -7.61 5.10 -5.65
O4B FAD B . -7.61 5.77 -6.94
C3B FAD B . -8.87 4.23 -5.61
O3B FAD B . -9.74 4.63 -4.53
C2B FAD B . -9.50 4.45 -6.98
O2B FAD B . -10.92 4.49 -6.96
C1B FAD B . -8.95 5.79 -7.39
N9A FAD B . -8.83 6.02 -8.83
C8A FAD B . -8.26 5.23 -9.72
N7A FAD B . -8.27 5.73 -10.97
C5A FAD B . -8.87 6.91 -10.85
C6A FAD B . -9.24 8.01 -11.74
N6A FAD B . -8.95 7.91 -13.02
N1A FAD B . -9.85 9.09 -11.25
C2A FAD B . -10.15 9.20 -9.96
N3A FAD B . -9.84 8.23 -9.11
C4A FAD B . -9.22 7.10 -9.46
N1 FAD B . -0.98 -3.90 1.35
C2 FAD B . -0.78 -3.93 2.69
O2 FAD B . -0.24 -2.94 3.23
N3 FAD B . -1.11 -4.98 3.44
C4 FAD B . -1.68 -6.08 2.93
O4 FAD B . -1.99 -7.04 3.67
C4X FAD B . -1.95 -6.12 1.48
N5 FAD B . -2.53 -7.19 0.88
C5X FAD B . -2.75 -7.21 -0.45
C6 FAD B . -3.34 -8.32 -1.03
C7 FAD B . -3.59 -8.34 -2.40
C7M FAD B . -4.23 -9.54 -3.04
C8 FAD B . -3.20 -7.17 -3.25
C8M FAD B . -3.46 -7.20 -4.73
C9 FAD B . -2.61 -6.06 -2.66
C9A FAD B . -2.38 -6.04 -1.29
N10 FAD B . -1.77 -4.91 -0.69
C10 FAD B . -1.55 -4.94 0.69
C1' FAD B . -1.39 -3.76 -1.50
C2' FAD B . -2.33 -2.59 -1.19
O2' FAD B . -3.68 -3.00 -1.40
C3' FAD B . -2.01 -1.39 -2.07
O3' FAD B . -0.59 -1.20 -2.14
C4' FAD B . -2.66 -0.12 -1.52
O4' FAD B . -4.07 -0.16 -1.80
C5' FAD B . -2.04 1.12 -2.15
O5' FAD B . -2.94 2.22 -2.00
P FAD B . -2.95 3.42 -3.06
O1P FAD B . -3.56 4.64 -2.41
O2P FAD B . -1.58 3.52 -3.68
O3P FAD B . -3.97 2.89 -4.19
CL CL C . 1.59 -5.69 -0.01
#